data_5A09
#
_entry.id   5A09
#
_cell.length_a   72.770
_cell.length_b   72.770
_cell.length_c   69.626
_cell.angle_alpha   90.00
_cell.angle_beta   90.00
_cell.angle_gamma   120.00
#
_symmetry.space_group_name_H-M   'P 63'
#
loop_
_entity.id
_entity.type
_entity.pdbx_description
1 polymer 'NEUTROPHIL ELASTASE'
2 branched alpha-L-fucopyranose-(1-6)-2-acetamido-2-deoxy-beta-D-glucopyranose
3 non-polymer 2-acetamido-2-deoxy-beta-D-glucopyranose
4 non-polymer '2-[(4R)-4-(4-cyanophenyl)-5-ethanoyl-6-methyl-2-oxidanylidene-1-[3-(trifluoromethyl)phenyl]-4H-pyrimidin-3-yl]ethanoic acid'
5 water water
#
_entity_poly.entity_id   1
_entity_poly.type   'polypeptide(L)'
_entity_poly.pdbx_seq_one_letter_code
;IVGGRRARPHAWPFMVSLQLRGGHFCGATLIAPNFVMSAAHCVANVNVRAVRVVLGAHNLSRREPTRQVFAVQRIFENGY
DPVNLLNDIVILQLNGSATINANVQVAQLPAQGRRLGNGVQCLAMGWGLLGRNRGIASVLQELNVTVVTSLCRRSNVCTL
VRGRQAGVCFGDSGSPLVCNGLIHGIASFVRGGCASGLYPDAFAPVAQFVNWIDSIIQ
;
_entity_poly.pdbx_strand_id   A
#
loop_
_chem_comp.id
_chem_comp.type
_chem_comp.name
_chem_comp.formula
FUC L-saccharide, alpha linking alpha-L-fucopyranose 'C6 H12 O5'
JJD non-polymer '2-[(4R)-4-(4-cyanophenyl)-5-ethanoyl-6-methyl-2-oxidanylidene-1-[3-(trifluoromethyl)phenyl]-4H-pyrimidin-3-yl]ethanoic acid' 'C23 H18 F3 N3 O4'
NAG D-saccharide, beta linking 2-acetamido-2-deoxy-beta-D-glucopyranose 'C8 H15 N O6'
#
# COMPACT_ATOMS: atom_id res chain seq x y z
N ILE A 1 8.81 -6.69 0.11
CA ILE A 1 9.33 -6.40 1.50
C ILE A 1 10.64 -7.13 1.71
N VAL A 2 11.68 -6.38 2.04
CA VAL A 2 12.99 -6.95 2.32
C VAL A 2 13.16 -7.06 3.83
N GLY A 3 13.48 -8.26 4.32
CA GLY A 3 13.83 -8.48 5.72
C GLY A 3 12.64 -8.52 6.65
N GLY A 4 11.47 -8.78 6.06
CA GLY A 4 10.20 -8.84 6.77
C GLY A 4 9.89 -10.29 7.10
N ARG A 5 8.60 -10.60 7.22
CA ARG A 5 8.17 -11.95 7.56
C ARG A 5 6.85 -12.21 6.91
N ARG A 6 6.52 -13.49 6.75
CA ARG A 6 5.20 -13.89 6.26
C ARG A 6 4.11 -13.44 7.20
N ALA A 7 3.07 -12.80 6.64
CA ALA A 7 1.85 -12.53 7.42
C ALA A 7 1.11 -13.82 7.68
N ARG A 8 0.38 -13.85 8.80
CA ARG A 8 -0.59 -14.91 9.05
C ARG A 8 -1.62 -14.76 7.93
N PRO A 9 -2.11 -15.85 7.34
CA PRO A 9 -3.07 -15.72 6.23
C PRO A 9 -4.30 -14.87 6.60
N HIS A 10 -4.62 -13.90 5.75
CA HIS A 10 -5.76 -13.02 5.91
C HIS A 10 -5.72 -12.19 7.20
N ALA A 11 -4.51 -11.92 7.70
CA ALA A 11 -4.37 -11.09 8.89
C ALA A 11 -4.78 -9.63 8.63
N TRP A 12 -4.70 -9.22 7.36
CA TRP A 12 -4.85 -7.83 6.89
C TRP A 12 -5.83 -7.86 5.71
N PRO A 13 -7.11 -8.09 6.03
CA PRO A 13 -8.08 -8.36 4.97
C PRO A 13 -8.49 -7.13 4.15
N PHE A 14 -7.95 -5.96 4.46
CA PHE A 14 -8.06 -4.79 3.60
C PHE A 14 -6.94 -4.75 2.53
N MET A 15 -5.99 -5.68 2.57
CA MET A 15 -4.82 -5.66 1.68
C MET A 15 -5.22 -6.18 0.31
N VAL A 16 -4.85 -5.44 -0.73
CA VAL A 16 -5.32 -5.71 -2.09
C VAL A 16 -4.12 -5.94 -3.00
N SER A 17 -4.25 -6.86 -3.95
CA SER A 17 -3.26 -7.00 -5.04
C SER A 17 -3.84 -6.46 -6.33
N LEU A 18 -3.12 -5.51 -6.96
CA LEU A 18 -3.46 -5.05 -8.30
C LEU A 18 -2.65 -5.86 -9.30
N GLN A 19 -3.34 -6.36 -10.33
CA GLN A 19 -2.76 -7.35 -11.24
C GLN A 19 -3.02 -7.07 -12.72
N LEU A 20 -2.06 -7.46 -13.54
CA LEU A 20 -2.19 -7.44 -14.99
C LEU A 20 -1.90 -8.84 -15.47
N ARG A 21 -2.75 -9.34 -16.37
CA ARG A 21 -2.66 -10.73 -16.85
C ARG A 21 -2.26 -11.70 -15.75
N GLY A 22 -2.89 -11.58 -14.57
CA GLY A 22 -2.65 -12.49 -13.45
C GLY A 22 -1.36 -12.27 -12.66
N GLY A 23 -0.60 -11.23 -13.02
CA GLY A 23 0.63 -10.91 -12.32
C GLY A 23 0.49 -9.64 -11.49
N HIS A 24 0.80 -9.76 -10.21
CA HIS A 24 0.80 -8.65 -9.27
C HIS A 24 1.77 -7.56 -9.74
N PHE A 25 1.35 -6.30 -9.71
CA PHE A 25 2.29 -5.20 -9.96
C PHE A 25 2.30 -4.12 -8.87
N CYS A 26 1.26 -4.10 -8.01
CA CYS A 26 1.14 -3.07 -7.00
C CYS A 26 0.15 -3.48 -5.92
N GLY A 27 0.34 -2.94 -4.72
CA GLY A 27 -0.59 -3.14 -3.63
C GLY A 27 -1.66 -2.06 -3.69
N ALA A 28 -2.66 -2.23 -2.82
CA ALA A 28 -3.73 -1.24 -2.60
C ALA A 28 -4.48 -1.59 -1.31
N THR A 29 -5.42 -0.75 -0.93
CA THR A 29 -6.13 -0.90 0.34
C THR A 29 -7.61 -0.75 0.06
N LEU A 30 -8.43 -1.69 0.54
CA LEU A 30 -9.88 -1.54 0.44
C LEU A 30 -10.37 -0.49 1.45
N ILE A 31 -10.92 0.62 0.96
CA ILE A 31 -11.40 1.66 1.87
C ILE A 31 -12.92 1.80 1.91
N ALA A 32 -13.60 1.03 1.07
CA ALA A 32 -15.06 0.93 1.07
C ALA A 32 -15.34 -0.27 0.21
N PRO A 33 -16.56 -0.82 0.29
CA PRO A 33 -16.90 -1.96 -0.57
C PRO A 33 -16.62 -1.71 -2.06
N ASN A 34 -16.75 -0.50 -2.58
CA ASN A 34 -16.51 -0.30 -4.01
C ASN A 34 -15.37 0.63 -4.35
N PHE A 35 -14.47 0.84 -3.39
CA PHE A 35 -13.29 1.67 -3.59
C PHE A 35 -12.02 1.07 -2.96
N VAL A 36 -10.94 1.09 -3.73
CA VAL A 36 -9.63 0.87 -3.17
C VAL A 36 -8.82 2.15 -3.34
N MET A 37 -7.79 2.30 -2.52
CA MET A 37 -6.86 3.40 -2.69
C MET A 37 -5.45 2.83 -2.90
N SER A 38 -4.65 3.51 -3.70
CA SER A 38 -3.32 3.00 -4.02
C SER A 38 -2.42 4.21 -4.32
N ALA A 39 -1.19 3.97 -4.77
CA ALA A 39 -0.28 5.04 -5.17
C ALA A 39 -0.55 5.47 -6.62
N ALA A 40 -0.45 6.76 -6.90
CA ALA A 40 -0.69 7.25 -8.25
C ALA A 40 0.31 6.68 -9.23
N HIS A 41 1.56 6.50 -8.78
CA HIS A 41 2.61 5.98 -9.64
C HIS A 41 2.36 4.53 -10.14
N CYS A 42 1.55 3.75 -9.40
CA CYS A 42 1.10 2.42 -9.81
C CYS A 42 0.30 2.35 -11.12
N VAL A 43 -0.51 3.40 -11.37
CA VAL A 43 -1.39 3.46 -12.52
C VAL A 43 -0.98 4.46 -13.63
N ALA A 44 0.04 5.30 -13.39
CA ALA A 44 0.53 6.17 -14.45
C ALA A 44 1.09 5.25 -15.54
N ASN A 45 0.70 5.48 -16.79
CA ASN A 45 1.22 4.68 -17.92
C ASN A 45 0.63 3.28 -18.08
N VAL A 46 -0.17 2.84 -17.11
CA VAL A 46 -0.77 1.51 -17.13
C VAL A 46 -2.09 1.50 -17.89
N ASN A 47 -2.37 0.38 -18.56
CA ASN A 47 -3.66 0.16 -19.19
C ASN A 47 -4.70 -0.17 -18.13
N VAL A 48 -5.33 0.86 -17.58
CA VAL A 48 -6.28 0.71 -16.46
C VAL A 48 -7.46 -0.27 -16.72
N ARG A 49 -7.91 -0.33 -17.97
CA ARG A 49 -9.00 -1.23 -18.35
C ARG A 49 -8.65 -2.70 -18.19
N ALA A 50 -7.34 -3.00 -18.22
CA ALA A 50 -6.80 -4.35 -18.02
C ALA A 50 -6.48 -4.69 -16.54
N VAL A 51 -6.50 -3.69 -15.68
CA VAL A 51 -6.18 -3.90 -14.27
C VAL A 51 -7.26 -4.72 -13.57
N ARG A 52 -6.82 -5.76 -12.87
CA ARG A 52 -7.71 -6.52 -12.02
C ARG A 52 -7.41 -6.25 -10.55
N VAL A 53 -8.47 -5.99 -9.79
CA VAL A 53 -8.38 -5.69 -8.38
C VAL A 53 -8.70 -6.93 -7.55
N VAL A 54 -7.69 -7.46 -6.87
CA VAL A 54 -7.82 -8.78 -6.23
C VAL A 54 -7.92 -8.66 -4.68
N LEU A 55 -9.05 -9.07 -4.14
CA LEU A 55 -9.26 -9.01 -2.71
C LEU A 55 -9.19 -10.40 -2.10
N GLY A 56 -8.84 -10.49 -0.83
CA GLY A 56 -8.89 -11.76 -0.12
C GLY A 56 -7.75 -12.70 -0.47
N ALA A 57 -6.65 -12.13 -0.98
CA ALA A 57 -5.51 -12.93 -1.39
C ALA A 57 -4.54 -13.13 -0.25
N HIS A 58 -3.77 -14.21 -0.33
CA HIS A 58 -2.66 -14.42 0.58
C HIS A 58 -1.41 -14.89 -0.15
N ASN A 59 -1.52 -16.06 -0.77
CA ASN A 59 -0.44 -16.67 -1.53
C ASN A 59 -0.73 -16.53 -3.01
N LEU A 60 0.04 -15.68 -3.70
CA LEU A 60 -0.23 -15.38 -5.11
C LEU A 60 0.05 -16.55 -6.06
N SER A 61 0.86 -17.52 -5.62
CA SER A 61 1.22 -18.66 -6.47
C SER A 61 0.19 -19.80 -6.40
N ARG A 62 -0.86 -19.60 -5.61
CA ARG A 62 -1.86 -20.65 -5.35
C ARG A 62 -3.25 -20.21 -5.79
N ARG A 63 -4.09 -21.18 -6.15
CA ARG A 63 -5.50 -20.93 -6.44
C ARG A 63 -6.18 -20.68 -5.10
N GLU A 64 -6.91 -19.57 -4.98
CA GLU A 64 -7.48 -19.18 -3.69
C GLU A 64 -8.97 -18.82 -3.79
N PRO A 65 -9.84 -19.64 -3.20
CA PRO A 65 -11.29 -19.41 -3.22
C PRO A 65 -11.76 -18.24 -2.33
N THR A 66 -10.92 -17.80 -1.41
CA THR A 66 -11.17 -16.58 -0.64
C THR A 66 -11.11 -15.29 -1.50
N ARG A 67 -10.77 -15.43 -2.78
CA ARG A 67 -10.54 -14.24 -3.63
C ARG A 67 -11.77 -13.64 -4.30
N GLN A 68 -11.81 -12.31 -4.33
CA GLN A 68 -12.78 -11.63 -5.16
C GLN A 68 -12.07 -10.67 -6.11
N VAL A 69 -12.51 -10.63 -7.36
CA VAL A 69 -11.82 -9.91 -8.42
C VAL A 69 -12.75 -8.87 -9.02
N PHE A 70 -12.27 -7.64 -9.10
CA PHE A 70 -13.02 -6.54 -9.70
C PHE A 70 -12.19 -5.89 -10.79
N ALA A 71 -12.86 -5.11 -11.63
CA ALA A 71 -12.18 -4.20 -12.55
C ALA A 71 -12.34 -2.76 -12.07
N VAL A 72 -11.55 -1.86 -12.65
CA VAL A 72 -11.63 -0.45 -12.34
C VAL A 72 -12.68 0.28 -13.20
N GLN A 73 -13.65 0.88 -12.53
CA GLN A 73 -14.70 1.67 -13.17
C GLN A 73 -14.24 3.10 -13.46
N ARG A 74 -13.62 3.73 -12.46
CA ARG A 74 -13.25 5.14 -12.54
C ARG A 74 -12.00 5.37 -11.69
N ILE A 75 -11.17 6.33 -12.08
CA ILE A 75 -10.01 6.73 -11.28
C ILE A 75 -10.16 8.15 -10.71
N PHE A 76 -9.90 8.34 -9.42
CA PHE A 76 -9.87 9.69 -8.84
C PHE A 76 -8.43 10.01 -8.44
N GLU A 77 -7.91 11.12 -8.96
CA GLU A 77 -6.56 11.58 -8.62
C GLU A 77 -6.61 12.88 -7.83
N ASN A 78 -5.48 13.26 -7.24
CA ASN A 78 -5.41 14.42 -6.37
C ASN A 78 -4.10 15.15 -6.61
N GLY A 79 -3.83 15.51 -7.86
CA GLY A 79 -2.67 16.33 -8.18
C GLY A 79 -1.32 15.62 -8.20
N TYR A 80 -1.33 14.33 -8.54
CA TYR A 80 -0.07 13.58 -8.60
C TYR A 80 1.03 14.36 -9.31
N ASP A 81 2.18 14.50 -8.66
CA ASP A 81 3.28 15.30 -9.18
C ASP A 81 4.52 14.44 -9.07
N PRO A 82 4.81 13.65 -10.10
CA PRO A 82 5.96 12.73 -10.08
C PRO A 82 7.34 13.39 -10.02
N VAL A 83 7.49 14.56 -10.65
CA VAL A 83 8.75 15.31 -10.61
C VAL A 83 9.12 15.64 -9.18
N ASN A 84 8.14 16.11 -8.41
CA ASN A 84 8.37 16.50 -7.01
C ASN A 84 8.05 15.39 -5.99
N LEU A 85 7.62 14.23 -6.50
CA LEU A 85 7.22 13.07 -5.69
C LEU A 85 6.11 13.42 -4.68
N LEU A 86 5.08 14.07 -5.18
CA LEU A 86 4.02 14.60 -4.34
C LEU A 86 2.64 14.08 -4.75
N ASN A 87 1.75 13.98 -3.74
CA ASN A 87 0.36 13.62 -3.93
C ASN A 87 0.22 12.25 -4.63
N ASP A 88 0.99 11.30 -4.12
CA ASP A 88 1.09 9.97 -4.71
C ASP A 88 -0.02 9.05 -4.21
N ILE A 89 -1.26 9.43 -4.56
CA ILE A 89 -2.44 8.73 -4.15
C ILE A 89 -3.47 8.70 -5.30
N VAL A 90 -4.14 7.57 -5.47
CA VAL A 90 -5.32 7.52 -6.34
C VAL A 90 -6.40 6.69 -5.65
N ILE A 91 -7.66 6.94 -6.02
CA ILE A 91 -8.75 6.05 -5.62
C ILE A 91 -9.31 5.39 -6.90
N LEU A 92 -9.42 4.05 -6.85
CA LEU A 92 -10.02 3.32 -7.94
C LEU A 92 -11.39 2.86 -7.48
N GLN A 93 -12.41 3.36 -8.15
CA GLN A 93 -13.76 2.87 -7.94
C GLN A 93 -13.92 1.53 -8.66
N LEU A 94 -14.47 0.53 -7.99
CA LEU A 94 -14.62 -0.81 -8.59
C LEU A 94 -15.91 -0.90 -9.43
N ASN A 95 -15.97 -1.91 -10.29
CA ASN A 95 -17.16 -2.18 -11.10
C ASN A 95 -18.33 -2.80 -10.32
N GLY A 96 -18.07 -3.12 -9.05
CA GLY A 96 -19.08 -3.68 -8.18
C GLY A 96 -18.62 -3.49 -6.75
N SER A 97 -19.38 -4.08 -5.81
CA SER A 97 -19.07 -3.98 -4.39
C SER A 97 -18.46 -5.26 -3.88
N ALA A 98 -17.42 -5.10 -3.07
CA ALA A 98 -16.83 -6.23 -2.36
C ALA A 98 -17.88 -6.88 -1.42
N THR A 99 -17.75 -8.19 -1.23
CA THR A 99 -18.47 -8.89 -0.18
C THR A 99 -17.60 -8.90 1.08
N ILE A 100 -18.00 -8.10 2.05
CA ILE A 100 -17.23 -7.95 3.30
C ILE A 100 -17.39 -9.22 4.13
N ASN A 101 -16.27 -9.89 4.35
CA ASN A 101 -16.26 -11.13 5.14
C ASN A 101 -14.95 -11.27 5.92
N ALA A 102 -14.64 -12.48 6.38
CA ALA A 102 -13.46 -12.64 7.22
C ALA A 102 -12.16 -12.33 6.45
N ASN A 103 -12.15 -12.60 5.15
CA ASN A 103 -10.97 -12.41 4.32
C ASN A 103 -10.88 -11.06 3.57
N VAL A 104 -11.95 -10.26 3.66
CA VAL A 104 -12.11 -9.03 2.88
C VAL A 104 -12.83 -8.00 3.74
N GLN A 105 -12.08 -7.00 4.20
CA GLN A 105 -12.61 -5.97 5.11
C GLN A 105 -12.12 -4.58 4.71
N VAL A 106 -12.89 -3.57 5.08
CA VAL A 106 -12.61 -2.16 4.83
C VAL A 106 -11.63 -1.62 5.89
N ALA A 107 -10.56 -0.96 5.47
CA ALA A 107 -9.58 -0.42 6.42
C ALA A 107 -10.14 0.80 7.14
N GLN A 108 -9.60 1.09 8.32
CA GLN A 108 -9.91 2.30 9.07
C GLN A 108 -8.84 3.36 8.80
N LEU A 109 -9.28 4.58 8.51
CA LEU A 109 -8.38 5.68 8.19
C LEU A 109 -8.29 6.60 9.41
N PRO A 110 -7.22 7.39 9.48
CA PRO A 110 -7.05 8.35 10.59
C PRO A 110 -7.93 9.57 10.37
N ALA A 111 -8.05 10.42 11.38
CA ALA A 111 -8.63 11.76 11.24
C ALA A 111 -7.75 12.62 10.34
N GLN A 112 -8.38 13.51 9.58
CA GLN A 112 -7.68 14.50 8.74
C GLN A 112 -6.65 15.25 9.56
N GLY A 113 -5.44 15.34 9.03
CA GLY A 113 -4.37 16.06 9.67
C GLY A 113 -3.65 15.37 10.83
N ARG A 114 -4.03 14.14 11.18
CA ARG A 114 -3.36 13.45 12.29
C ARG A 114 -1.87 13.35 11.94
N ARG A 115 -0.99 13.75 12.87
CA ARG A 115 0.45 13.63 12.66
C ARG A 115 1.02 12.44 13.43
N LEU A 116 2.08 11.85 12.87
CA LEU A 116 2.78 10.78 13.54
C LEU A 116 4.12 11.24 14.05
N GLY A 117 4.36 11.04 15.34
CA GLY A 117 5.63 11.43 15.94
C GLY A 117 6.77 10.51 15.59
N ASN A 118 7.98 11.07 15.60
CA ASN A 118 9.20 10.27 15.63
C ASN A 118 9.12 9.13 16.61
N GLY A 119 9.39 7.91 16.13
CA GLY A 119 9.40 6.75 16.99
C GLY A 119 8.13 5.94 16.97
N VAL A 120 7.11 6.40 16.24
CA VAL A 120 5.88 5.62 16.10
C VAL A 120 6.17 4.25 15.44
N GLN A 121 5.58 3.19 16.01
CA GLN A 121 5.76 1.81 15.50
C GLN A 121 4.62 1.43 14.53
N CYS A 122 5.00 1.01 13.33
CA CYS A 122 4.07 0.72 12.25
C CYS A 122 4.40 -0.62 11.63
N LEU A 123 3.46 -1.17 10.84
CA LEU A 123 3.72 -2.30 10.00
C LEU A 123 3.54 -1.89 8.55
N ALA A 124 4.58 -2.15 7.76
CA ALA A 124 4.49 -2.07 6.33
C ALA A 124 4.19 -3.49 5.85
N MET A 125 3.76 -3.63 4.58
CA MET A 125 3.38 -4.95 4.08
C MET A 125 3.26 -4.94 2.59
N GLY A 126 3.25 -6.11 2.00
CA GLY A 126 3.12 -6.22 0.59
C GLY A 126 3.68 -7.50 0.02
N TRP A 127 3.44 -7.66 -1.28
CA TRP A 127 3.98 -8.76 -2.08
C TRP A 127 5.19 -8.37 -2.94
N GLY A 128 5.88 -7.30 -2.56
CA GLY A 128 7.02 -6.85 -3.34
C GLY A 128 8.25 -7.74 -3.23
N LEU A 129 9.33 -7.32 -3.88
CA LEU A 129 10.56 -8.13 -3.88
C LEU A 129 11.05 -8.40 -2.47
N LEU A 130 11.66 -9.58 -2.31
CA LEU A 130 12.15 -10.03 -0.99
C LEU A 130 13.60 -9.66 -0.73
N GLY A 131 14.34 -9.24 -1.76
CA GLY A 131 15.67 -8.72 -1.48
C GLY A 131 16.22 -7.90 -2.61
N ARG A 132 17.55 -7.95 -2.73
CA ARG A 132 18.26 -7.59 -3.97
C ARG A 132 17.99 -8.64 -5.04
N ASN A 133 18.08 -9.92 -4.66
CA ASN A 133 17.92 -11.01 -5.62
C ASN A 133 17.23 -12.25 -5.04
N ARG A 134 16.70 -12.13 -3.82
CA ARG A 134 16.01 -13.24 -3.17
C ARG A 134 14.79 -13.72 -3.98
N GLY A 135 14.09 -12.77 -4.60
CA GLY A 135 12.96 -13.04 -5.47
C GLY A 135 11.79 -12.15 -5.13
N ILE A 136 10.80 -12.00 -6.03
CA ILE A 136 9.48 -11.48 -5.64
C ILE A 136 8.73 -12.52 -4.75
N ALA A 137 7.58 -12.12 -4.17
CA ALA A 137 6.98 -12.85 -3.04
C ALA A 137 5.66 -13.50 -3.41
N SER A 138 5.54 -14.76 -3.04
CA SER A 138 4.28 -15.49 -3.11
C SER A 138 3.36 -15.12 -1.97
N VAL A 139 3.91 -15.16 -0.77
CA VAL A 139 3.12 -15.02 0.44
C VAL A 139 3.21 -13.56 0.88
N LEU A 140 2.08 -12.96 1.24
CA LEU A 140 2.04 -11.61 1.80
C LEU A 140 3.06 -11.42 2.92
N GLN A 141 3.89 -10.38 2.80
CA GLN A 141 4.91 -10.11 3.82
C GLN A 141 4.47 -8.92 4.66
N GLU A 142 4.92 -8.88 5.91
CA GLU A 142 4.83 -7.70 6.75
C GLU A 142 6.17 -7.38 7.45
N LEU A 143 6.24 -6.17 8.01
CA LEU A 143 7.51 -5.64 8.50
C LEU A 143 7.32 -4.56 9.55
N ASN A 144 7.99 -4.72 10.69
CA ASN A 144 7.96 -3.69 11.71
C ASN A 144 8.87 -2.56 11.27
N VAL A 145 8.29 -1.35 11.21
CA VAL A 145 9.03 -0.14 10.90
C VAL A 145 8.80 1.00 11.92
N THR A 146 9.70 1.98 11.97
CA THR A 146 9.56 3.12 12.89
C THR A 146 9.45 4.42 12.12
N VAL A 147 8.44 5.24 12.43
CA VAL A 147 8.33 6.58 11.85
C VAL A 147 9.55 7.46 12.19
N VAL A 148 10.08 8.11 11.16
CA VAL A 148 11.20 9.04 11.30
C VAL A 148 10.88 10.36 10.57
N THR A 149 11.40 11.47 11.10
CA THR A 149 11.31 12.77 10.43
C THR A 149 12.61 13.20 9.71
N SER A 150 13.76 12.69 10.13
CA SER A 150 15.03 13.02 9.45
C SER A 150 15.02 12.46 8.03
N LEU A 151 15.52 13.24 7.07
CA LEU A 151 15.54 12.85 5.66
C LEU A 151 14.12 12.60 5.12
N CYS A 152 13.14 13.26 5.72
CA CYS A 152 11.76 13.13 5.29
C CYS A 152 11.16 14.51 5.21
N ARG A 153 10.44 14.79 4.14
CA ARG A 153 9.70 16.03 4.03
C ARG A 153 8.35 15.95 4.73
N ARG A 154 7.79 17.12 5.01
CA ARG A 154 6.49 17.23 5.66
C ARG A 154 5.39 16.60 4.79
N SER A 155 5.66 16.50 3.49
CA SER A 155 4.70 15.97 2.53
C SER A 155 4.75 14.45 2.43
N ASN A 156 5.45 13.79 3.37
CA ASN A 156 5.51 12.32 3.44
C ASN A 156 5.43 11.82 4.88
N VAL A 157 4.95 10.60 5.04
CA VAL A 157 5.26 9.87 6.23
C VAL A 157 6.43 8.99 5.82
N CYS A 158 7.53 9.03 6.60
CA CYS A 158 8.70 8.18 6.35
C CYS A 158 8.98 7.22 7.48
N THR A 159 9.50 6.06 7.10
CA THR A 159 9.79 5.02 8.06
C THR A 159 11.19 4.43 7.84
N LEU A 160 11.78 3.93 8.91
CA LEU A 160 13.11 3.33 8.85
C LEU A 160 13.15 2.18 9.83
N VAL A 161 13.72 1.06 9.38
CA VAL A 161 14.00 -0.03 10.29
C VAL A 161 15.38 0.23 10.95
N ARG A 162 15.38 0.24 12.29
CA ARG A 162 16.58 0.52 13.08
C ARG A 162 17.46 -0.73 13.31
N GLY A 163 18.77 -0.60 13.10
CA GLY A 163 19.72 -1.65 13.44
C GLY A 163 19.92 -2.79 12.45
N ARG A 164 19.33 -2.68 11.26
CA ARG A 164 19.49 -3.66 10.18
C ARG A 164 18.91 -3.11 8.89
N GLN A 165 19.31 -3.67 7.74
CA GLN A 165 18.77 -3.29 6.44
C GLN A 165 17.43 -4.03 6.17
N ALA A 166 16.33 -3.30 6.16
CA ALA A 166 15.02 -3.84 5.80
C ALA A 166 14.16 -2.70 5.33
N GLY A 167 13.15 -3.01 4.52
CA GLY A 167 12.25 -1.99 4.02
C GLY A 167 11.37 -2.50 2.90
N VAL A 168 10.55 -1.60 2.38
CA VAL A 168 9.70 -1.90 1.25
C VAL A 168 10.54 -2.00 -0.02
N CYS A 169 9.96 -2.60 -1.05
CA CYS A 169 10.66 -2.85 -2.28
C CYS A 169 9.71 -2.84 -3.46
N PHE A 170 10.26 -3.04 -4.64
CA PHE A 170 9.48 -2.96 -5.87
C PHE A 170 8.33 -3.93 -5.82
N GLY A 171 7.14 -3.45 -6.14
CA GLY A 171 5.96 -4.28 -6.03
C GLY A 171 5.17 -3.98 -4.76
N ASP A 172 5.86 -3.37 -3.77
CA ASP A 172 5.16 -2.90 -2.58
C ASP A 172 4.49 -1.56 -2.80
N SER A 173 4.84 -0.89 -3.90
CA SER A 173 4.14 0.31 -4.34
C SER A 173 2.63 0.25 -4.13
N GLY A 174 2.07 1.26 -3.48
CA GLY A 174 0.63 1.39 -3.29
C GLY A 174 0.06 0.64 -2.09
N SER A 175 0.91 -0.09 -1.39
CA SER A 175 0.49 -0.90 -0.25
C SER A 175 0.33 -0.02 0.99
N PRO A 176 -0.55 -0.42 1.91
CA PRO A 176 -0.74 0.34 3.15
C PRO A 176 0.40 0.23 4.16
N LEU A 177 0.57 1.32 4.90
CA LEU A 177 1.33 1.42 6.11
C LEU A 177 0.30 1.55 7.26
N VAL A 178 0.31 0.60 8.17
CA VAL A 178 -0.63 0.63 9.28
C VAL A 178 0.01 1.08 10.58
N CYS A 179 -0.53 2.11 11.19
CA CYS A 179 0.06 2.67 12.40
C CYS A 179 -1.05 2.89 13.41
N ASN A 180 -0.94 2.26 14.58
CA ASN A 180 -1.90 2.47 15.64
C ASN A 180 -3.31 2.10 15.12
N GLY A 181 -3.38 1.04 14.33
CA GLY A 181 -4.61 0.46 13.82
C GLY A 181 -5.24 1.16 12.62
N LEU A 182 -4.56 2.17 12.07
CA LEU A 182 -5.13 2.97 10.98
C LEU A 182 -4.19 3.01 9.78
N ILE A 183 -4.74 3.12 8.58
CA ILE A 183 -3.89 3.29 7.39
C ILE A 183 -3.33 4.69 7.31
N HIS A 184 -2.07 4.83 7.69
CA HIS A 184 -1.43 6.15 7.72
C HIS A 184 -0.59 6.44 6.48
N GLY A 185 -0.35 5.42 5.67
CA GLY A 185 0.56 5.58 4.55
C GLY A 185 0.19 4.71 3.37
N ILE A 186 0.66 5.13 2.20
CA ILE A 186 0.62 4.35 0.97
C ILE A 186 2.05 4.35 0.44
N ALA A 187 2.64 3.17 0.24
CA ALA A 187 4.05 3.09 -0.15
C ALA A 187 4.29 3.87 -1.44
N SER A 188 5.18 4.85 -1.37
CA SER A 188 5.41 5.78 -2.48
C SER A 188 6.80 5.64 -3.12
N PHE A 189 7.87 5.77 -2.33
CA PHE A 189 9.21 5.68 -2.91
C PHE A 189 10.33 5.37 -1.96
N VAL A 190 11.38 4.78 -2.51
CA VAL A 190 12.59 4.52 -1.77
C VAL A 190 13.75 5.33 -2.34
N ARG A 191 14.78 5.48 -1.54
CA ARG A 191 16.02 6.05 -2.06
C ARG A 191 17.16 5.14 -1.60
N GLY A 192 18.21 5.07 -2.41
CA GLY A 192 19.36 4.29 -2.04
C GLY A 192 19.11 2.82 -2.32
N GLY A 193 18.18 2.55 -3.23
CA GLY A 193 17.68 1.19 -3.45
C GLY A 193 16.82 0.72 -2.28
N CYS A 194 16.25 -0.48 -2.39
CA CYS A 194 15.51 -1.07 -1.28
C CYS A 194 16.41 -1.41 -0.12
N ALA A 195 15.92 -1.15 1.09
CA ALA A 195 16.57 -1.60 2.35
C ALA A 195 18.02 -1.11 2.45
N SER A 196 18.22 0.16 2.17
CA SER A 196 19.56 0.75 2.19
C SER A 196 20.15 0.77 3.60
N GLY A 197 19.28 0.85 4.61
CA GLY A 197 19.67 1.09 6.01
C GLY A 197 20.05 2.55 6.22
N LEU A 198 19.84 3.41 5.23
CA LEU A 198 20.21 4.83 5.34
C LEU A 198 19.03 5.76 5.12
N TYR A 199 18.47 5.73 3.90
CA TYR A 199 17.27 6.49 3.60
C TYR A 199 15.98 5.84 4.09
N PRO A 200 15.11 6.65 4.71
CA PRO A 200 13.80 6.12 5.08
C PRO A 200 12.94 5.88 3.85
N ASP A 201 12.05 4.89 3.95
CA ASP A 201 11.03 4.67 2.94
C ASP A 201 9.98 5.78 3.05
N ALA A 202 9.50 6.24 1.91
CA ALA A 202 8.54 7.33 1.91
C ALA A 202 7.15 6.84 1.51
N PHE A 203 6.14 7.35 2.22
CA PHE A 203 4.76 6.92 1.98
C PHE A 203 3.93 8.17 1.77
N ALA A 204 2.89 8.05 0.95
CA ALA A 204 1.94 9.14 0.82
C ALA A 204 1.21 9.28 2.15
N PRO A 205 1.14 10.53 2.67
CA PRO A 205 0.56 10.77 4.00
C PRO A 205 -0.96 10.76 4.01
N VAL A 206 -1.56 9.59 4.31
CA VAL A 206 -2.99 9.39 4.15
C VAL A 206 -3.80 10.42 4.97
N ALA A 207 -3.31 10.75 6.16
CA ALA A 207 -4.02 11.69 7.04
C ALA A 207 -4.24 13.04 6.34
N GLN A 208 -3.29 13.45 5.49
CA GLN A 208 -3.39 14.72 4.77
C GLN A 208 -4.50 14.66 3.70
N PHE A 209 -4.92 13.44 3.34
CA PHE A 209 -5.84 13.28 2.24
C PHE A 209 -7.26 12.86 2.64
N VAL A 210 -7.55 12.83 3.94
CA VAL A 210 -8.78 12.17 4.41
C VAL A 210 -10.07 12.94 4.03
N ASN A 211 -10.03 14.27 4.06
CA ASN A 211 -11.16 15.08 3.63
C ASN A 211 -11.44 14.75 2.17
N TRP A 212 -10.39 14.67 1.35
CA TRP A 212 -10.53 14.34 -0.07
C TRP A 212 -11.10 12.91 -0.25
N ILE A 213 -10.52 11.95 0.47
CA ILE A 213 -11.02 10.59 0.49
C ILE A 213 -12.50 10.49 0.85
N ASP A 214 -12.90 11.15 1.93
CA ASP A 214 -14.28 11.04 2.42
C ASP A 214 -15.28 11.62 1.43
N SER A 215 -14.89 12.69 0.74
CA SER A 215 -15.73 13.30 -0.29
C SER A 215 -16.12 12.34 -1.40
N ILE A 216 -15.25 11.36 -1.66
CA ILE A 216 -15.43 10.39 -2.72
C ILE A 216 -16.17 9.13 -2.23
N ILE A 217 -15.73 8.57 -1.10
CA ILE A 217 -16.35 7.34 -0.58
C ILE A 217 -17.50 7.64 0.37
N GLN A 218 -17.56 8.89 0.84
CA GLN A 218 -18.50 9.43 1.84
C GLN A 218 -18.06 9.26 3.29
C1 NAG B . 5.87 -5.15 15.63
C2 NAG B . 6.04 -4.64 17.08
C3 NAG B . 4.99 -5.29 17.97
C4 NAG B . 3.66 -4.89 17.38
C5 NAG B . 3.54 -5.42 15.96
C6 NAG B . 2.17 -5.12 15.37
C7 NAG B . 8.35 -4.06 17.68
C8 NAG B . 9.51 -4.45 18.54
N2 NAG B . 7.34 -4.93 17.66
O3 NAG B . 5.07 -4.78 19.30
O4 NAG B . 2.70 -5.46 18.22
O5 NAG B . 4.56 -4.85 15.17
O6 NAG B . 2.09 -3.72 15.22
O7 NAG B . 8.36 -3.00 17.04
C1 FUC B . 0.91 -3.15 15.85
C2 FUC B . 1.15 -1.65 15.96
C3 FUC B . 1.14 -0.97 14.59
C4 FUC B . -0.03 -1.46 13.76
C5 FUC B . -0.14 -2.98 13.74
C6 FUC B . -1.33 -3.49 12.94
O2 FUC B . 2.42 -1.38 16.54
O3 FUC B . 1.10 0.43 14.75
O4 FUC B . -1.19 -0.92 14.34
O5 FUC B . -0.27 -3.41 15.10
C1 NAG C . -16.33 -6.75 -12.57
C2 NAG C . -17.60 -7.55 -12.88
C3 NAG C . -17.39 -9.07 -12.70
C4 NAG C . -16.14 -9.55 -13.43
C5 NAG C . -14.95 -8.70 -13.00
C6 NAG C . -13.67 -9.15 -13.70
C7 NAG C . -19.77 -6.37 -12.60
C8 NAG C . -19.86 -6.13 -14.08
N2 NAG C . -18.75 -7.10 -12.11
O3 NAG C . -18.51 -9.76 -13.18
O4 NAG C . -15.92 -10.93 -13.21
O5 NAG C . -15.21 -7.33 -13.27
O6 NAG C . -13.58 -8.61 -15.01
O7 NAG C . -20.63 -5.91 -11.86
C1 FUC C . -12.36 -9.12 -15.63
C2 FUC C . -12.59 -9.56 -17.07
C3 FUC C . -12.61 -8.38 -18.05
C4 FUC C . -11.42 -7.43 -17.84
C5 FUC C . -11.21 -7.11 -16.34
C6 FUC C . -9.93 -6.30 -16.10
O2 FUC C . -13.82 -10.26 -17.19
O3 FUC C . -12.67 -8.88 -19.37
O4 FUC C . -10.23 -7.93 -18.39
O5 FUC C . -11.20 -8.29 -15.53
C1 NAG D . 1.57 -4.86 19.70
C2 NAG D . 0.44 -5.88 19.71
C3 NAG D . -0.30 -5.71 21.03
C4 NAG D . 0.66 -5.67 22.23
C5 NAG D . 2.00 -4.94 21.96
C6 NAG D . 3.07 -5.31 22.99
C7 NAG D . -0.64 -6.51 17.59
C8 NAG D . -1.67 -6.08 16.60
N2 NAG D . -0.41 -5.64 18.57
O3 NAG D . -1.23 -6.77 21.14
O4 NAG D . 0.04 -5.03 23.34
O5 NAG D . 2.51 -5.23 20.68
O6 NAG D . 3.95 -4.21 23.13
O7 NAG D . -0.08 -7.61 17.48
C1 JJD E . 9.47 5.72 -8.61
N2 JJD E . 10.55 5.57 -7.61
C3 JJD E . 10.49 4.64 -6.63
N4 JJD E . 9.65 3.61 -6.79
C5 JJD E . 9.01 3.37 -7.98
C6 JJD E . 8.89 4.38 -8.91
C7 JJD E . 8.50 6.75 -8.12
C8 JJD E . 8.47 8.01 -8.70
C9 JJD E . 7.62 9.03 -8.25
C10 JJD E . 6.76 8.75 -7.16
C11 JJD E . 6.78 7.49 -6.56
C12 JJD E . 7.64 6.48 -7.03
C13 JJD E . 5.99 9.68 -6.71
N14 JJD E . 5.34 10.51 -6.23
C15 JJD E . 8.28 4.28 -10.23
O16 JJD E . 7.99 3.16 -10.66
C17 JJD E . 7.96 5.49 -11.04
C18 JJD E . 9.66 2.62 -5.74
C19 JJD E . 8.65 2.65 -4.78
C20 JJD E . 8.62 1.71 -3.77
C21 JJD E . 9.58 0.70 -3.66
C22 JJD E . 10.60 0.63 -4.63
C23 JJD E . 10.63 1.61 -5.65
C24 JJD E . 7.53 1.85 -2.75
F25 JJD E . 7.20 0.64 -2.32
F26 JJD E . 8.03 2.60 -1.78
F27 JJD E . 6.45 2.45 -3.25
C28 JJD E . 8.44 2.01 -8.24
O29 JJD E . 11.20 4.72 -5.60
C30 JJD E . 11.54 6.62 -7.40
C31 JJD E . 12.53 6.66 -8.56
O32 JJD E . 12.65 5.67 -9.31
O33 JJD E . 13.17 7.72 -8.75
#